data_7AAM
#
_entry.id   7AAM
#
_cell.length_a   47.996
_cell.length_b   72.037
_cell.length_c   205.034
_cell.angle_alpha   90.000
_cell.angle_beta   90.000
_cell.angle_gamma   90.000
#
_symmetry.space_group_name_H-M   'P 21 21 21'
#
loop_
_entity.id
_entity.type
_entity.pdbx_description
1 polymer 'Proline-serine-threonine phosphatase-interacting protein 1'
2 polymer 'Tyrosine-protein phosphatase non-receptor type 22'
3 non-polymer GLYCEROL
4 water water
#
loop_
_entity_poly.entity_id
_entity_poly.type
_entity_poly.pdbx_seq_one_letter_code
_entity_poly.pdbx_strand_id
1 'polypeptide(L)'
;GSHMMPQLQFKDAFWCRDFTAHTGYEVLLQRLLDGRKMCKDMEELLRQRAQAEERYGKELVQIARKAGGQTEINSLRASF
DSLKQQMENVGSSHIQLALTLREELRSLEEFRERQKEQRKKYEAVMDRVQKSKLSLYKKAMESKKTYEQKCRDADDAEQA
FERISANGHQKQVEKSQNKARQCKDSATEAERVYRQSIAQLEKVRAEWEQEHRTTCEAFQLQEFDRLTILRNALWVHSNQ
LSMQCVKDDELYEEVRLTLEGCSIDADIDSFIQAKSTGTEPPAPVPYQNYYD
;
A,B
2 'polypeptide(L)' GFANRFSKPKGPRNPPPTWNI C
#
# COMPACT_ATOMS: atom_id res chain seq x y z
N LEU A 8 -4.52 45.62 4.07
CA LEU A 8 -3.70 46.18 3.00
C LEU A 8 -3.69 45.26 1.79
N GLN A 9 -3.65 45.86 0.60
CA GLN A 9 -3.75 45.15 -0.67
C GLN A 9 -2.43 45.23 -1.43
N PHE A 10 -2.36 44.47 -2.52
CA PHE A 10 -1.17 44.48 -3.36
C PHE A 10 -0.95 45.85 -3.99
N LYS A 11 -2.02 46.47 -4.48
CA LYS A 11 -1.91 47.75 -5.17
C LYS A 11 -1.43 48.87 -4.25
N ASP A 12 -1.52 48.69 -2.93
CA ASP A 12 -1.19 49.75 -1.99
C ASP A 12 0.16 49.56 -1.32
N ALA A 13 0.77 48.38 -1.42
CA ALA A 13 1.98 48.07 -0.67
C ALA A 13 3.15 47.64 -1.53
N PHE A 14 3.08 47.82 -2.84
CA PHE A 14 4.16 47.40 -3.74
C PHE A 14 4.50 48.51 -4.73
N TRP A 15 4.79 49.70 -4.19
CA TRP A 15 5.29 50.82 -4.97
C TRP A 15 6.77 51.04 -4.66
N CYS A 16 7.41 51.85 -5.49
CA CYS A 16 8.80 52.24 -5.29
C CYS A 16 8.90 53.75 -5.48
N ARG A 17 9.40 54.45 -4.47
CA ARG A 17 9.60 55.89 -4.62
C ARG A 17 10.64 56.20 -5.69
N ASP A 18 11.58 55.29 -5.90
CA ASP A 18 12.50 55.42 -7.02
C ASP A 18 11.72 55.39 -8.33
N PHE A 19 11.85 56.45 -9.12
CA PHE A 19 11.06 56.56 -10.35
C PHE A 19 11.45 55.49 -11.36
N THR A 20 12.74 55.14 -11.43
CA THR A 20 13.24 54.20 -12.43
C THR A 20 13.21 52.76 -11.96
N ALA A 21 12.64 52.48 -10.79
CA ALA A 21 12.60 51.13 -10.25
C ALA A 21 11.17 50.61 -10.23
N HIS A 22 11.02 49.33 -10.59
CA HIS A 22 9.76 48.63 -10.54
C HIS A 22 9.90 47.36 -9.71
N THR A 23 10.54 47.49 -8.55
CA THR A 23 10.79 46.33 -7.69
C THR A 23 9.49 45.75 -7.15
N GLY A 24 8.53 46.62 -6.81
CA GLY A 24 7.25 46.13 -6.33
C GLY A 24 6.57 45.20 -7.30
N TYR A 25 6.66 45.50 -8.59
CA TYR A 25 6.11 44.61 -9.61
C TYR A 25 6.95 43.35 -9.76
N GLU A 26 8.27 43.48 -9.65
CA GLU A 26 9.15 42.32 -9.77
C GLU A 26 8.97 41.35 -8.61
N VAL A 27 8.74 41.87 -7.40
CA VAL A 27 8.51 41.00 -6.25
C VAL A 27 7.22 40.21 -6.41
N LEU A 28 6.15 40.87 -6.86
CA LEU A 28 4.89 40.17 -7.06
C LEU A 28 5.00 39.14 -8.17
N LEU A 29 5.74 39.47 -9.24
CA LEU A 29 5.92 38.52 -10.33
C LEU A 29 6.72 37.30 -9.87
N GLN A 30 7.71 37.52 -9.00
CA GLN A 30 8.46 36.39 -8.45
C GLN A 30 7.59 35.54 -7.53
N ARG A 31 6.66 36.16 -6.80
CA ARG A 31 5.76 35.40 -5.94
C ARG A 31 4.87 34.48 -6.76
N LEU A 32 4.42 34.94 -7.93
CA LEU A 32 3.63 34.09 -8.81
C LEU A 32 4.45 32.93 -9.34
N LEU A 33 5.73 33.16 -9.63
CA LEU A 33 6.59 32.08 -10.10
C LEU A 33 6.86 31.07 -9.00
N ASP A 34 6.98 31.53 -7.75
CA ASP A 34 7.12 30.60 -6.63
C ASP A 34 5.83 29.82 -6.41
N GLY A 35 4.67 30.46 -6.60
CA GLY A 35 3.41 29.76 -6.48
C GLY A 35 3.20 28.76 -7.60
N ARG A 36 3.74 29.04 -8.79
CA ARG A 36 3.65 28.08 -9.88
C ARG A 36 4.45 26.82 -9.58
N LYS A 37 5.63 26.98 -8.97
CA LYS A 37 6.42 25.82 -8.58
C LYS A 37 5.77 25.05 -7.44
N MET A 38 5.09 25.76 -6.53
CA MET A 38 4.36 25.09 -5.47
C MET A 38 3.21 24.25 -6.03
N CYS A 39 2.53 24.77 -7.06
CA CYS A 39 1.50 23.98 -7.72
C CYS A 39 2.10 22.76 -8.40
N LYS A 40 3.31 22.89 -8.96
CA LYS A 40 3.97 21.76 -9.59
C LYS A 40 4.39 20.72 -8.55
N ASP A 41 4.89 21.17 -7.39
CA ASP A 41 5.29 20.23 -6.35
C ASP A 41 4.09 19.46 -5.82
N MET A 42 2.92 20.10 -5.74
CA MET A 42 1.71 19.38 -5.37
C MET A 42 1.31 18.38 -6.45
N GLU A 43 1.57 18.71 -7.71
CA GLU A 43 1.30 17.78 -8.80
C GLU A 43 2.21 16.57 -8.75
N GLU A 44 3.48 16.78 -8.40
CA GLU A 44 4.42 15.66 -8.32
C GLU A 44 4.08 14.73 -7.16
N LEU A 45 3.61 15.28 -6.05
CA LEU A 45 3.22 14.42 -4.93
C LEU A 45 2.05 13.53 -5.31
N LEU A 46 1.06 14.09 -6.02
CA LEU A 46 -0.07 13.28 -6.48
C LEU A 46 0.38 12.27 -7.54
N ARG A 47 1.28 12.68 -8.44
CA ARG A 47 1.73 11.81 -9.50
C ARG A 47 2.48 10.60 -8.94
N GLN A 48 3.37 10.84 -7.97
CA GLN A 48 4.14 9.74 -7.39
C GLN A 48 3.28 8.88 -6.46
N ARG A 49 2.33 9.50 -5.74
CA ARG A 49 1.45 8.72 -4.89
C ARG A 49 0.54 7.82 -5.71
N ALA A 50 0.03 8.34 -6.84
CA ALA A 50 -0.80 7.51 -7.71
C ALA A 50 0.00 6.35 -8.29
N GLN A 51 1.24 6.61 -8.69
CA GLN A 51 2.11 5.53 -9.17
C GLN A 51 2.34 4.49 -8.09
N ALA A 52 2.52 4.92 -6.85
CA ALA A 52 2.73 3.99 -5.74
C ALA A 52 1.47 3.18 -5.45
N GLU A 53 0.30 3.82 -5.57
CA GLU A 53 -0.94 3.11 -5.28
C GLU A 53 -1.26 2.08 -6.37
N GLU A 54 -0.99 2.41 -7.63
CA GLU A 54 -1.21 1.44 -8.70
C GLU A 54 -0.29 0.24 -8.56
N ARG A 55 0.98 0.48 -8.21
CA ARG A 55 1.90 -0.63 -7.99
C ARG A 55 1.49 -1.46 -6.79
N TYR A 56 1.07 -0.80 -5.71
CA TYR A 56 0.61 -1.51 -4.53
C TYR A 56 -0.67 -2.30 -4.80
N GLY A 57 -1.62 -1.68 -5.52
CA GLY A 57 -2.86 -2.38 -5.83
C GLY A 57 -2.64 -3.58 -6.73
N LYS A 58 -1.86 -3.40 -7.80
CA LYS A 58 -1.59 -4.50 -8.72
C LYS A 58 -0.88 -5.65 -8.00
N GLU A 59 -0.01 -5.34 -7.04
CA GLU A 59 0.70 -6.39 -6.32
C GLU A 59 -0.23 -7.16 -5.40
N LEU A 60 -1.20 -6.48 -4.78
CA LEU A 60 -2.16 -7.16 -3.92
C LEU A 60 -3.04 -8.12 -4.72
N VAL A 61 -3.40 -7.74 -5.94
CA VAL A 61 -4.23 -8.60 -6.77
C VAL A 61 -3.47 -9.86 -7.17
N GLN A 62 -2.18 -9.72 -7.49
CA GLN A 62 -1.39 -10.87 -7.88
C GLN A 62 -1.20 -11.84 -6.73
N ILE A 63 -1.03 -11.33 -5.51
CA ILE A 63 -0.87 -12.20 -4.35
C ILE A 63 -2.15 -12.99 -4.11
N ALA A 64 -3.31 -12.34 -4.25
CA ALA A 64 -4.58 -13.01 -4.01
C ALA A 64 -4.85 -14.07 -5.08
N ARG A 65 -4.53 -13.78 -6.34
CA ARG A 65 -4.82 -14.71 -7.42
C ARG A 65 -3.89 -15.91 -7.37
N LYS A 66 -2.62 -15.70 -6.99
CA LYS A 66 -1.63 -16.77 -6.96
C LYS A 66 -1.64 -17.58 -5.68
N ALA A 67 -2.30 -17.12 -4.63
CA ALA A 67 -2.27 -17.82 -3.37
C ALA A 67 -2.96 -19.18 -3.48
N GLY A 68 -2.59 -20.08 -2.57
CA GLY A 68 -3.11 -21.43 -2.58
C GLY A 68 -4.35 -21.63 -1.74
N GLY A 69 -4.38 -22.71 -0.96
CA GLY A 69 -5.52 -23.03 -0.13
C GLY A 69 -6.42 -24.11 -0.68
N GLN A 70 -6.04 -24.75 -1.79
CA GLN A 70 -6.92 -25.73 -2.43
C GLN A 70 -7.14 -26.96 -1.56
N THR A 71 -6.15 -27.31 -0.72
CA THR A 71 -6.25 -28.52 0.10
C THR A 71 -7.22 -28.38 1.26
N GLU A 72 -7.65 -27.16 1.60
CA GLU A 72 -8.56 -26.94 2.72
C GLU A 72 -10.01 -27.07 2.26
N ILE A 73 -10.88 -27.41 3.21
CA ILE A 73 -12.30 -27.62 2.94
C ILE A 73 -13.12 -26.92 4.03
N ASN A 74 -14.42 -26.82 3.77
CA ASN A 74 -15.43 -26.33 4.71
C ASN A 74 -15.11 -24.89 5.13
N SER A 75 -15.43 -24.56 6.39
CA SER A 75 -15.38 -23.17 6.86
C SER A 75 -14.00 -22.54 6.65
N LEU A 76 -12.94 -23.23 7.10
CA LEU A 76 -11.60 -22.66 7.00
C LEU A 76 -11.24 -22.36 5.55
N ARG A 77 -11.71 -23.18 4.61
CA ARG A 77 -11.49 -22.89 3.20
C ARG A 77 -12.26 -21.65 2.77
N ALA A 78 -13.54 -21.56 3.18
CA ALA A 78 -14.35 -20.38 2.85
C ALA A 78 -13.78 -19.12 3.47
N SER A 79 -13.21 -19.23 4.67
CA SER A 79 -12.60 -18.07 5.30
C SER A 79 -11.33 -17.65 4.57
N PHE A 80 -10.50 -18.62 4.18
CA PHE A 80 -9.28 -18.29 3.44
C PHE A 80 -9.60 -17.76 2.05
N ASP A 81 -10.62 -18.33 1.39
CA ASP A 81 -11.06 -17.79 0.11
C ASP A 81 -11.66 -16.40 0.27
N SER A 82 -12.27 -16.13 1.43
CA SER A 82 -12.79 -14.79 1.68
C SER A 82 -11.66 -13.78 1.84
N LEU A 83 -10.52 -14.19 2.40
CA LEU A 83 -9.39 -13.28 2.52
C LEU A 83 -8.78 -12.98 1.16
N LYS A 84 -8.67 -14.00 0.30
CA LYS A 84 -8.14 -13.78 -1.05
C LYS A 84 -9.10 -12.91 -1.87
N GLN A 85 -10.40 -13.11 -1.70
CA GLN A 85 -11.38 -12.33 -2.44
C GLN A 85 -11.32 -10.86 -2.04
N GLN A 86 -11.24 -10.58 -0.73
CA GLN A 86 -11.18 -9.20 -0.28
C GLN A 86 -9.81 -8.58 -0.57
N MET A 87 -8.76 -9.39 -0.65
CA MET A 87 -7.45 -8.86 -1.03
C MET A 87 -7.45 -8.32 -2.44
N GLU A 88 -8.07 -9.06 -3.38
CA GLU A 88 -8.19 -8.57 -4.74
C GLU A 88 -9.07 -7.32 -4.80
N ASN A 89 -10.11 -7.28 -3.96
CA ASN A 89 -10.97 -6.11 -3.90
C ASN A 89 -10.22 -4.89 -3.38
N VAL A 90 -9.36 -5.08 -2.38
CA VAL A 90 -8.54 -3.97 -1.88
C VAL A 90 -7.56 -3.52 -2.95
N GLY A 91 -6.86 -4.48 -3.57
CA GLY A 91 -5.92 -4.12 -4.63
C GLY A 91 -6.60 -3.42 -5.79
N SER A 92 -7.80 -3.89 -6.17
CA SER A 92 -8.54 -3.23 -7.24
C SER A 92 -9.01 -1.84 -6.81
N SER A 93 -9.32 -1.66 -5.52
CA SER A 93 -9.73 -0.35 -5.05
C SER A 93 -8.57 0.63 -5.05
N HIS A 94 -7.37 0.17 -4.69
CA HIS A 94 -6.19 1.03 -4.74
C HIS A 94 -5.80 1.38 -6.17
N ILE A 95 -6.09 0.50 -7.12
CA ILE A 95 -5.89 0.83 -8.53
C ILE A 95 -6.83 1.96 -8.93
N GLN A 96 -8.08 1.90 -8.47
CA GLN A 96 -9.03 2.98 -8.73
C GLN A 96 -8.62 4.25 -8.02
N LEU A 97 -7.96 4.13 -6.86
CA LEU A 97 -7.48 5.32 -6.16
C LEU A 97 -6.44 6.07 -6.99
N ALA A 98 -5.59 5.33 -7.71
CA ALA A 98 -4.60 5.97 -8.56
C ALA A 98 -5.25 6.79 -9.67
N LEU A 99 -6.33 6.27 -10.24
CA LEU A 99 -7.07 7.02 -11.27
C LEU A 99 -7.71 8.26 -10.67
N THR A 100 -8.19 8.17 -9.43
CA THR A 100 -8.79 9.33 -8.78
C THR A 100 -7.73 10.40 -8.49
N LEU A 101 -6.55 9.98 -8.03
CA LEU A 101 -5.47 10.92 -7.78
C LEU A 101 -4.99 11.57 -9.07
N ARG A 102 -4.87 10.78 -10.14
CA ARG A 102 -4.41 11.32 -11.42
C ARG A 102 -5.43 12.29 -12.02
N GLU A 103 -6.72 12.11 -11.71
CA GLU A 103 -7.72 13.08 -12.15
C GLU A 103 -7.57 14.39 -11.41
N GLU A 104 -7.29 14.33 -10.09
CA GLU A 104 -6.97 15.54 -9.35
C GLU A 104 -5.67 16.15 -9.85
N LEU A 105 -4.71 15.31 -10.25
CA LEU A 105 -3.47 15.80 -10.84
C LEU A 105 -3.73 16.57 -12.13
N ARG A 106 -4.62 16.04 -12.98
CA ARG A 106 -4.94 16.71 -14.24
C ARG A 106 -5.66 18.02 -14.00
N SER A 107 -6.49 18.10 -12.96
CA SER A 107 -7.21 19.34 -12.67
C SER A 107 -6.27 20.45 -12.23
N LEU A 108 -5.24 20.10 -11.44
CA LEU A 108 -4.32 21.12 -10.95
C LEU A 108 -3.44 21.66 -12.07
N GLU A 109 -2.94 20.78 -12.94
CA GLU A 109 -2.11 21.25 -14.06
C GLU A 109 -2.92 22.09 -15.05
N GLU A 110 -4.21 21.77 -15.21
CA GLU A 110 -5.08 22.60 -16.03
C GLU A 110 -5.24 23.99 -15.42
N PHE A 111 -5.52 24.05 -14.12
CA PHE A 111 -5.63 25.33 -13.42
C PHE A 111 -4.32 26.10 -13.51
N ARG A 112 -3.18 25.41 -13.37
CA ARG A 112 -1.89 26.07 -13.40
C ARG A 112 -1.65 26.79 -14.72
N GLU A 113 -1.95 26.11 -15.84
CA GLU A 113 -1.73 26.72 -17.15
C GLU A 113 -2.74 27.82 -17.46
N ARG A 114 -3.91 27.82 -16.83
CA ARG A 114 -4.84 28.93 -16.97
C ARG A 114 -4.23 30.21 -16.42
N GLN A 115 -3.62 30.14 -15.23
CA GLN A 115 -3.03 31.31 -14.63
C GLN A 115 -1.82 31.81 -15.42
N LYS A 116 -1.00 30.88 -15.93
CA LYS A 116 0.17 31.28 -16.71
C LYS A 116 -0.24 32.02 -17.98
N GLU A 117 -1.32 31.57 -18.63
CA GLU A 117 -1.80 32.26 -19.82
C GLU A 117 -2.24 33.68 -19.49
N GLN A 118 -2.98 33.85 -18.40
CA GLN A 118 -3.42 35.19 -18.01
C GLN A 118 -2.25 36.01 -17.48
N ARG A 119 -1.32 35.37 -16.77
CA ARG A 119 -0.16 36.08 -16.24
C ARG A 119 0.71 36.65 -17.36
N LYS A 120 0.88 35.88 -18.45
CA LYS A 120 1.66 36.36 -19.59
C LYS A 120 1.05 37.61 -20.20
N LYS A 121 -0.28 37.72 -20.19
CA LYS A 121 -0.94 38.89 -20.75
C LYS A 121 -0.61 40.14 -19.94
N TYR A 122 -0.70 40.06 -18.61
CA TYR A 122 -0.36 41.20 -17.77
C TYR A 122 1.12 41.54 -17.88
N GLU A 123 1.97 40.52 -18.01
CA GLU A 123 3.40 40.76 -18.18
C GLU A 123 3.68 41.58 -19.44
N ALA A 124 2.98 41.25 -20.53
CA ALA A 124 3.15 42.00 -21.78
C ALA A 124 2.72 43.45 -21.60
N VAL A 125 1.62 43.68 -20.90
CA VAL A 125 1.12 45.04 -20.70
C VAL A 125 2.09 45.83 -19.83
N MET A 126 2.55 45.23 -18.73
CA MET A 126 3.46 45.94 -17.83
C MET A 126 4.80 46.21 -18.49
N ASP A 127 5.36 45.19 -19.16
CA ASP A 127 6.63 45.38 -19.86
C ASP A 127 6.53 46.47 -20.91
N ARG A 128 5.35 46.63 -21.51
CA ARG A 128 5.15 47.68 -22.50
C ARG A 128 5.20 49.06 -21.87
N VAL A 129 4.32 49.32 -20.90
CA VAL A 129 4.22 50.66 -20.32
C VAL A 129 5.47 51.00 -19.50
N GLN A 130 6.08 50.01 -18.85
CA GLN A 130 7.30 50.28 -18.08
C GLN A 130 8.45 50.64 -19.00
N LYS A 131 8.56 49.96 -20.15
CA LYS A 131 9.61 50.30 -21.11
C LYS A 131 9.41 51.70 -21.66
N SER A 132 8.15 52.11 -21.88
CA SER A 132 7.88 53.46 -22.36
C SER A 132 8.12 54.49 -21.26
N LYS A 133 7.80 54.15 -20.01
CA LYS A 133 8.05 55.06 -18.90
C LYS A 133 9.54 55.31 -18.73
N LEU A 134 10.34 54.24 -18.75
CA LEU A 134 11.79 54.39 -18.64
C LEU A 134 12.38 55.06 -19.88
N SER A 135 11.78 54.84 -21.05
CA SER A 135 12.30 55.44 -22.28
C SER A 135 12.13 56.95 -22.26
N LEU A 136 10.92 57.42 -21.95
CA LEU A 136 10.68 58.86 -21.92
C LEU A 136 11.42 59.54 -20.78
N TYR A 137 11.65 58.84 -19.67
CA TYR A 137 12.44 59.40 -18.58
C TYR A 137 13.88 59.62 -19.04
N LYS A 138 14.46 58.62 -19.72
CA LYS A 138 15.80 58.78 -20.27
C LYS A 138 15.86 59.90 -21.30
N LYS A 139 14.77 60.07 -22.06
CA LYS A 139 14.72 61.15 -23.04
C LYS A 139 14.59 62.51 -22.35
N ALA A 140 13.78 62.59 -21.30
CA ALA A 140 13.60 63.85 -20.59
C ALA A 140 14.89 64.31 -19.94
N MET A 141 15.66 63.37 -19.37
CA MET A 141 16.93 63.75 -18.75
C MET A 141 17.96 64.16 -19.78
N GLU A 142 17.94 63.55 -20.97
CA GLU A 142 18.80 64.02 -22.04
C GLU A 142 18.42 65.44 -22.48
N SER A 143 17.13 65.75 -22.44
CA SER A 143 16.68 67.10 -22.75
C SER A 143 17.11 68.08 -21.67
N LYS A 144 17.13 67.64 -20.40
CA LYS A 144 17.55 68.50 -19.31
C LYS A 144 19.05 68.83 -19.42
N LYS A 145 19.86 67.83 -19.75
CA LYS A 145 21.30 68.07 -19.90
C LYS A 145 21.59 69.04 -21.03
N THR A 146 20.85 68.92 -22.15
CA THR A 146 21.03 69.86 -23.25
C THR A 146 20.56 71.25 -22.86
N TYR A 147 19.39 71.35 -22.22
CA TYR A 147 18.88 72.64 -21.79
C TYR A 147 19.85 73.34 -20.83
N GLU A 148 20.42 72.59 -19.89
CA GLU A 148 21.37 73.18 -18.95
C GLU A 148 22.65 73.60 -19.65
N GLN A 149 23.11 72.80 -20.61
CA GLN A 149 24.33 73.16 -21.35
C GLN A 149 24.10 74.40 -22.20
N LYS A 150 22.90 74.57 -22.75
CA LYS A 150 22.61 75.76 -23.54
C LYS A 150 22.54 77.00 -22.64
N CYS A 151 22.01 76.85 -21.42
CA CYS A 151 22.00 77.97 -20.48
C CYS A 151 23.41 78.34 -20.07
N ARG A 152 24.27 77.35 -19.86
CA ARG A 152 25.66 77.62 -19.51
C ARG A 152 26.39 78.31 -20.66
N ASP A 153 26.11 77.89 -21.89
CA ASP A 153 26.71 78.55 -23.06
C ASP A 153 26.18 79.97 -23.21
N ALA A 154 24.90 80.19 -22.89
CA ALA A 154 24.33 81.53 -23.02
C ALA A 154 24.92 82.48 -21.99
N ASP A 155 25.16 82.01 -20.77
CA ASP A 155 25.76 82.87 -19.75
C ASP A 155 27.21 83.21 -20.08
N ASP A 156 27.94 82.28 -20.70
CA ASP A 156 29.31 82.57 -21.10
C ASP A 156 29.35 83.59 -22.23
N ALA A 157 28.37 83.53 -23.14
CA ALA A 157 28.33 84.47 -24.25
C ALA A 157 27.88 85.86 -23.79
N GLU A 158 27.07 85.94 -22.74
CA GLU A 158 26.64 87.24 -22.23
C GLU A 158 27.73 87.88 -21.38
N GLN A 159 28.47 87.08 -20.62
CA GLN A 159 29.59 87.63 -19.84
C GLN A 159 30.73 88.04 -20.75
N ALA A 160 30.89 87.39 -21.90
CA ALA A 160 31.89 87.83 -22.86
C ALA A 160 31.50 89.17 -23.47
N PHE A 161 30.20 89.38 -23.72
CA PHE A 161 29.74 90.68 -24.21
C PHE A 161 30.01 91.77 -23.19
N GLU A 162 29.63 91.54 -21.93
CA GLU A 162 29.84 92.52 -20.88
C GLU A 162 31.31 92.92 -20.76
N ARG A 163 32.22 91.99 -21.12
CA ARG A 163 33.64 92.28 -21.03
C ARG A 163 34.07 93.32 -22.05
N ILE A 164 33.69 93.11 -23.32
CA ILE A 164 34.12 93.99 -24.40
C ILE A 164 33.18 95.17 -24.64
N SER A 165 32.02 95.20 -23.98
CA SER A 165 31.04 96.26 -24.18
C SER A 165 31.33 97.51 -23.37
N ALA A 166 32.59 97.72 -22.97
CA ALA A 166 32.97 98.91 -22.22
C ALA A 166 33.62 99.95 -23.13
N ASN A 167 34.76 99.63 -23.72
CA ASN A 167 35.47 100.55 -24.60
C ASN A 167 35.63 100.00 -26.02
N GLY A 168 34.92 98.92 -26.37
CA GLY A 168 35.07 98.34 -27.68
C GLY A 168 34.37 99.11 -28.77
N HIS A 169 34.71 98.79 -30.01
CA HIS A 169 34.13 99.45 -31.17
C HIS A 169 32.72 98.94 -31.43
N GLN A 170 31.96 99.71 -32.21
CA GLN A 170 30.59 99.33 -32.51
C GLN A 170 30.52 98.04 -33.32
N LYS A 171 31.52 97.78 -34.15
CA LYS A 171 31.51 96.56 -34.95
C LYS A 171 31.82 95.33 -34.09
N GLN A 172 32.83 95.44 -33.21
CA GLN A 172 33.20 94.31 -32.38
C GLN A 172 32.19 94.07 -31.25
N VAL A 173 31.50 95.12 -30.80
CA VAL A 173 30.47 94.93 -29.77
C VAL A 173 29.25 94.25 -30.36
N GLU A 174 28.85 94.65 -31.57
CA GLU A 174 27.73 93.99 -32.24
C GLU A 174 28.04 92.52 -32.50
N LYS A 175 29.30 92.19 -32.78
CA LYS A 175 29.68 90.80 -33.01
C LYS A 175 29.49 89.97 -31.74
N SER A 176 29.88 90.51 -30.59
CA SER A 176 29.79 89.75 -29.34
C SER A 176 28.35 89.69 -28.84
N GLN A 177 27.55 90.71 -29.12
CA GLN A 177 26.14 90.69 -28.69
C GLN A 177 25.30 89.79 -29.59
N ASN A 178 25.66 89.68 -30.88
CA ASN A 178 24.95 88.76 -31.75
C ASN A 178 25.24 87.31 -31.37
N LYS A 179 26.40 87.05 -30.78
CA LYS A 179 26.68 85.71 -30.26
C LYS A 179 25.84 85.42 -29.02
N ALA A 180 25.66 86.42 -28.15
CA ALA A 180 24.87 86.23 -26.94
C ALA A 180 23.40 86.00 -27.27
N ARG A 181 22.89 86.68 -28.29
CA ARG A 181 21.51 86.45 -28.71
C ARG A 181 21.36 85.10 -29.39
N GLN A 182 22.38 84.66 -30.12
CA GLN A 182 22.33 83.36 -30.77
C GLN A 182 22.34 82.23 -29.75
N CYS A 183 23.09 82.41 -28.65
CA CYS A 183 23.11 81.40 -27.61
C CYS A 183 21.86 81.44 -26.75
N LYS A 184 21.32 82.63 -26.50
CA LYS A 184 20.08 82.74 -25.73
C LYS A 184 18.91 82.11 -26.47
N ASP A 185 18.87 82.25 -27.79
CA ASP A 185 17.81 81.61 -28.57
C ASP A 185 17.94 80.09 -28.55
N SER A 186 19.17 79.58 -28.58
CA SER A 186 19.38 78.14 -28.50
C SER A 186 18.90 77.59 -27.16
N ALA A 187 19.12 78.33 -26.08
CA ALA A 187 18.64 77.89 -24.77
C ALA A 187 17.12 77.94 -24.68
N THR A 188 16.48 78.90 -25.35
CA THR A 188 15.03 79.02 -25.28
C THR A 188 14.35 77.85 -25.99
N GLU A 189 14.83 77.49 -27.18
CA GLU A 189 14.25 76.35 -27.89
C GLU A 189 14.60 75.04 -27.20
N ALA A 190 15.78 74.95 -26.59
CA ALA A 190 16.11 73.77 -25.79
C ALA A 190 15.22 73.66 -24.56
N GLU A 191 14.77 74.80 -24.02
CA GLU A 191 13.85 74.77 -22.89
C GLU A 191 12.49 74.23 -23.30
N ARG A 192 12.01 74.61 -24.49
CA ARG A 192 10.74 74.10 -24.98
C ARG A 192 10.80 72.59 -25.20
N VAL A 193 11.92 72.10 -25.74
CA VAL A 193 12.10 70.66 -25.90
C VAL A 193 12.12 69.98 -24.53
N TYR A 194 12.77 70.61 -23.55
CA TYR A 194 12.80 70.06 -22.19
C TYR A 194 11.41 70.11 -21.55
N ARG A 195 10.66 71.18 -21.80
CA ARG A 195 9.30 71.26 -21.27
C ARG A 195 8.40 70.18 -21.86
N GLN A 196 8.49 69.97 -23.18
CA GLN A 196 7.65 68.95 -23.81
C GLN A 196 8.04 67.55 -23.38
N SER A 197 9.32 67.33 -23.07
CA SER A 197 9.74 66.02 -22.55
C SER A 197 9.07 65.73 -21.22
N ILE A 198 8.92 66.75 -20.37
CA ILE A 198 8.22 66.57 -19.10
C ILE A 198 6.75 66.30 -19.32
N ALA A 199 6.15 66.90 -20.35
CA ALA A 199 4.73 66.68 -20.63
C ALA A 199 4.48 65.26 -21.10
N GLN A 200 5.31 64.76 -22.02
CA GLN A 200 5.15 63.40 -22.51
C GLN A 200 5.43 62.38 -21.41
N LEU A 201 6.44 62.63 -20.59
CA LEU A 201 6.77 61.71 -19.50
C LEU A 201 5.63 61.62 -18.49
N GLU A 202 5.01 62.75 -18.16
CA GLU A 202 3.90 62.73 -17.21
C GLU A 202 2.71 61.95 -17.76
N LYS A 203 2.49 62.03 -19.08
CA LYS A 203 1.40 61.28 -19.70
C LYS A 203 1.56 59.79 -19.47
N VAL A 204 2.75 59.25 -19.75
CA VAL A 204 3.00 57.83 -19.56
C VAL A 204 3.05 57.46 -18.08
N ARG A 205 3.53 58.38 -17.24
CA ARG A 205 3.63 58.11 -15.81
C ARG A 205 2.25 57.76 -15.23
N ALA A 206 1.27 58.63 -15.47
CA ALA A 206 -0.09 58.36 -15.00
C ALA A 206 -0.65 57.08 -15.61
N GLU A 207 -0.31 56.82 -16.87
CA GLU A 207 -0.72 55.57 -17.51
C GLU A 207 -0.12 54.37 -16.81
N TRP A 208 1.16 54.44 -16.43
CA TRP A 208 1.80 53.33 -15.74
C TRP A 208 1.23 53.12 -14.36
N GLU A 209 1.01 54.20 -13.60
CA GLU A 209 0.48 54.06 -12.25
C GLU A 209 -0.87 53.36 -12.25
N GLN A 210 -1.74 53.71 -13.20
CA GLN A 210 -3.02 53.03 -13.31
C GLN A 210 -2.82 51.58 -13.74
N GLU A 211 -1.88 51.34 -14.66
CA GLU A 211 -1.63 49.98 -15.12
C GLU A 211 -1.02 49.13 -14.02
N HIS A 212 -0.12 49.71 -13.22
CA HIS A 212 0.45 48.97 -12.09
C HIS A 212 -0.62 48.63 -11.07
N ARG A 213 -1.57 49.55 -10.84
CA ARG A 213 -2.63 49.29 -9.88
C ARG A 213 -3.57 48.20 -10.38
N THR A 214 -3.80 48.13 -11.69
CA THR A 214 -4.66 47.09 -12.24
C THR A 214 -3.95 45.73 -12.20
N THR A 215 -2.66 45.70 -12.52
CA THR A 215 -1.91 44.45 -12.51
C THR A 215 -1.78 43.89 -11.09
N CYS A 216 -1.55 44.77 -10.11
CA CYS A 216 -1.45 44.33 -8.73
C CYS A 216 -2.75 43.72 -8.24
N GLU A 217 -3.87 44.36 -8.54
CA GLU A 217 -5.17 43.82 -8.13
C GLU A 217 -5.46 42.49 -8.81
N ALA A 218 -5.00 42.32 -10.05
CA ALA A 218 -5.19 41.05 -10.74
C ALA A 218 -4.30 39.96 -10.15
N PHE A 219 -3.04 40.30 -9.84
CA PHE A 219 -2.14 39.31 -9.25
C PHE A 219 -2.63 38.87 -7.88
N GLN A 220 -3.23 39.78 -7.11
CA GLN A 220 -3.77 39.40 -5.82
C GLN A 220 -4.94 38.43 -5.97
N LEU A 221 -5.75 38.62 -7.02
CA LEU A 221 -6.83 37.68 -7.28
C LEU A 221 -6.30 36.30 -7.67
N GLN A 222 -5.22 36.26 -8.47
CA GLN A 222 -4.64 34.99 -8.86
C GLN A 222 -4.09 34.24 -7.66
N GLU A 223 -3.38 34.94 -6.76
CA GLU A 223 -2.87 34.29 -5.57
C GLU A 223 -4.00 33.81 -4.67
N PHE A 224 -5.07 34.60 -4.54
CA PHE A 224 -6.21 34.18 -3.76
C PHE A 224 -6.83 32.91 -4.34
N ASP A 225 -6.90 32.81 -5.67
CA ASP A 225 -7.42 31.61 -6.31
C ASP A 225 -6.48 30.43 -6.14
N ARG A 226 -5.17 30.67 -6.31
CA ARG A 226 -4.19 29.59 -6.18
C ARG A 226 -4.14 29.06 -4.75
N LEU A 227 -4.15 29.95 -3.75
CA LEU A 227 -4.15 29.51 -2.37
C LEU A 227 -5.43 28.74 -2.03
N THR A 228 -6.55 29.11 -2.65
CA THR A 228 -7.81 28.43 -2.36
C THR A 228 -7.84 27.03 -2.95
N ILE A 229 -7.40 26.88 -4.20
CA ILE A 229 -7.47 25.57 -4.85
C ILE A 229 -6.44 24.62 -4.23
N LEU A 230 -5.27 25.15 -3.87
CA LEU A 230 -4.26 24.28 -3.26
C LEU A 230 -4.66 23.89 -1.84
N ARG A 231 -5.31 24.78 -1.11
CA ARG A 231 -5.84 24.42 0.20
C ARG A 231 -6.96 23.38 0.07
N ASN A 232 -7.81 23.53 -0.94
CA ASN A 232 -8.87 22.53 -1.16
C ASN A 232 -8.29 21.22 -1.68
N ALA A 233 -7.24 21.29 -2.50
CA ALA A 233 -6.63 20.07 -3.02
C ALA A 233 -6.00 19.25 -1.89
N LEU A 234 -5.43 19.92 -0.89
CA LEU A 234 -4.87 19.21 0.26
C LEU A 234 -5.96 18.56 1.09
N TRP A 235 -7.09 19.25 1.28
CA TRP A 235 -8.19 18.67 2.05
C TRP A 235 -8.82 17.50 1.32
N VAL A 236 -9.01 17.64 0.00
CA VAL A 236 -9.58 16.55 -0.79
C VAL A 236 -8.65 15.35 -0.80
N HIS A 237 -7.34 15.60 -0.93
CA HIS A 237 -6.37 14.50 -0.94
C HIS A 237 -6.40 13.73 0.39
N SER A 238 -6.51 14.45 1.50
CA SER A 238 -6.58 13.78 2.81
C SER A 238 -7.88 13.00 2.96
N ASN A 239 -8.97 13.49 2.37
CA ASN A 239 -10.23 12.75 2.45
C ASN A 239 -10.19 11.49 1.60
N GLN A 240 -9.62 11.59 0.40
CA GLN A 240 -9.55 10.43 -0.48
C GLN A 240 -8.66 9.34 0.10
N LEU A 241 -7.58 9.71 0.79
CA LEU A 241 -6.77 8.70 1.47
C LEU A 241 -7.48 8.15 2.69
N SER A 242 -8.19 9.00 3.43
CA SER A 242 -8.98 8.53 4.56
C SER A 242 -10.18 7.70 4.11
N MET A 243 -10.76 8.05 2.96
CA MET A 243 -11.85 7.24 2.41
C MET A 243 -11.36 5.86 2.00
N GLN A 244 -10.11 5.77 1.51
CA GLN A 244 -9.55 4.47 1.17
C GLN A 244 -9.38 3.59 2.40
N CYS A 245 -9.06 4.19 3.55
CA CYS A 245 -8.98 3.43 4.78
C CYS A 245 -10.34 2.88 5.20
N VAL A 246 -11.41 3.63 4.91
CA VAL A 246 -12.75 3.15 5.23
C VAL A 246 -13.15 2.01 4.31
N LYS A 247 -12.84 2.14 3.02
CA LYS A 247 -13.18 1.07 2.07
C LYS A 247 -12.44 -0.22 2.40
N ASP A 248 -11.15 -0.11 2.75
CA ASP A 248 -10.37 -1.29 3.09
C ASP A 248 -10.93 -1.96 4.35
N ASP A 249 -11.24 -1.16 5.37
CA ASP A 249 -11.79 -1.73 6.61
C ASP A 249 -13.11 -2.45 6.35
N GLU A 250 -13.95 -1.89 5.46
CA GLU A 250 -15.20 -2.57 5.12
C GLU A 250 -14.94 -3.89 4.43
N LEU A 251 -13.92 -3.94 3.57
CA LEU A 251 -13.59 -5.19 2.89
C LEU A 251 -13.01 -6.21 3.86
N TYR A 252 -12.12 -5.77 4.76
CA TYR A 252 -11.59 -6.67 5.77
C TYR A 252 -12.67 -7.11 6.76
N GLU A 253 -13.71 -6.29 6.93
CA GLU A 253 -14.84 -6.69 7.76
C GLU A 253 -15.54 -7.91 7.19
N GLU A 254 -15.57 -8.05 5.87
CA GLU A 254 -16.17 -9.23 5.26
C GLU A 254 -15.43 -10.50 5.66
N VAL A 255 -14.11 -10.41 5.89
CA VAL A 255 -13.36 -11.57 6.33
C VAL A 255 -13.73 -11.95 7.76
N ARG A 256 -13.89 -10.95 8.64
CA ARG A 256 -14.28 -11.23 10.01
C ARG A 256 -15.68 -11.83 10.08
N LEU A 257 -16.59 -11.35 9.25
CA LEU A 257 -17.94 -11.90 9.24
C LEU A 257 -17.94 -13.36 8.79
N THR A 258 -17.08 -13.70 7.82
CA THR A 258 -16.96 -15.09 7.42
C THR A 258 -16.33 -15.94 8.52
N LEU A 259 -15.36 -15.37 9.24
CA LEU A 259 -14.70 -16.11 10.32
C LEU A 259 -15.64 -16.36 11.49
N GLU A 260 -16.65 -15.50 11.68
CA GLU A 260 -17.62 -15.74 12.74
C GLU A 260 -18.50 -16.95 12.46
N GLY A 261 -18.65 -17.33 11.20
CA GLY A 261 -19.39 -18.53 10.85
C GLY A 261 -18.48 -19.73 10.65
N CYS A 262 -17.25 -19.62 11.15
CA CYS A 262 -16.24 -20.67 11.03
C CYS A 262 -16.15 -21.38 12.38
N SER A 263 -16.73 -22.58 12.45
CA SER A 263 -16.73 -23.40 13.65
C SER A 263 -15.76 -24.56 13.48
N ILE A 264 -14.83 -24.70 14.43
CA ILE A 264 -13.83 -25.77 14.35
C ILE A 264 -14.50 -27.14 14.43
N ASP A 265 -15.42 -27.30 15.40
CA ASP A 265 -16.10 -28.58 15.54
C ASP A 265 -16.96 -28.91 14.34
N ALA A 266 -17.51 -27.90 13.67
CA ALA A 266 -18.31 -28.15 12.47
C ALA A 266 -17.45 -28.69 11.34
N ASP A 267 -16.24 -28.15 11.17
CA ASP A 267 -15.36 -28.62 10.10
C ASP A 267 -14.90 -30.05 10.34
N ILE A 268 -14.63 -30.41 11.59
CA ILE A 268 -14.20 -31.76 11.90
C ILE A 268 -15.34 -32.75 11.67
N ASP A 269 -16.54 -32.41 12.13
CA ASP A 269 -17.68 -33.28 11.91
C ASP A 269 -18.06 -33.38 10.43
N SER A 270 -17.88 -32.29 9.68
CA SER A 270 -18.17 -32.33 8.25
C SER A 270 -17.14 -33.16 7.49
N PHE A 271 -15.89 -33.17 7.94
CA PHE A 271 -14.87 -34.01 7.32
C PHE A 271 -15.12 -35.48 7.62
N ILE A 272 -15.54 -35.78 8.86
CA ILE A 272 -15.81 -37.17 9.24
C ILE A 272 -16.95 -37.74 8.39
N GLN A 273 -18.05 -36.99 8.28
CA GLN A 273 -19.21 -37.47 7.54
C GLN A 273 -18.91 -37.66 6.06
N ALA A 274 -17.84 -37.06 5.55
CA ALA A 274 -17.51 -37.14 4.13
C ALA A 274 -16.40 -38.13 3.81
N LYS A 275 -15.55 -38.47 4.79
CA LYS A 275 -14.41 -39.35 4.55
C LYS A 275 -14.40 -40.57 5.46
N SER A 276 -15.48 -40.81 6.21
CA SER A 276 -15.52 -41.96 7.10
C SER A 276 -15.43 -43.26 6.31
N THR A 277 -14.64 -44.21 6.82
CA THR A 277 -14.46 -45.49 6.17
C THR A 277 -15.27 -46.61 6.83
N GLY A 278 -15.60 -46.47 8.11
CA GLY A 278 -16.36 -47.49 8.82
C GLY A 278 -16.44 -47.22 10.30
N THR A 279 -17.51 -47.67 10.95
CA THR A 279 -17.73 -47.43 12.37
C THR A 279 -17.53 -48.68 13.21
N GLU A 280 -17.06 -49.78 12.62
CA GLU A 280 -16.86 -51.02 13.34
C GLU A 280 -15.48 -51.57 13.01
N PRO A 281 -14.64 -51.84 14.01
CA PRO A 281 -13.31 -52.40 13.73
C PRO A 281 -13.42 -53.80 13.15
N PRO A 282 -12.37 -54.30 12.49
CA PRO A 282 -12.44 -55.63 11.90
C PRO A 282 -12.65 -56.70 12.97
N ALA A 283 -13.37 -57.75 12.59
CA ALA A 283 -13.63 -58.83 13.53
C ALA A 283 -12.36 -59.65 13.77
N PRO A 284 -12.15 -60.11 15.00
CA PRO A 284 -10.95 -60.91 15.27
C PRO A 284 -11.00 -62.25 14.55
N VAL A 285 -9.84 -62.71 14.12
CA VAL A 285 -9.72 -63.98 13.42
C VAL A 285 -9.76 -65.11 14.45
N PRO A 286 -10.78 -65.96 14.43
CA PRO A 286 -10.87 -67.02 15.44
C PRO A 286 -10.30 -68.35 14.97
N TYR A 287 -10.19 -69.30 15.89
CA TYR A 287 -9.82 -70.66 15.52
C TYR A 287 -11.01 -71.34 14.86
N GLN A 288 -10.81 -71.88 13.67
CA GLN A 288 -11.86 -72.53 12.90
C GLN A 288 -11.60 -74.04 12.91
N ASN A 289 -12.39 -74.77 13.68
CA ASN A 289 -12.27 -76.22 13.71
C ASN A 289 -12.69 -76.81 12.37
N TYR A 290 -11.91 -77.77 11.88
CA TYR A 290 -12.18 -78.37 10.58
C TYR A 290 -13.44 -79.22 10.59
N TYR A 291 -13.84 -79.73 11.75
CA TYR A 291 -14.97 -80.63 11.87
C TYR A 291 -16.24 -79.93 12.33
N ASP A 292 -16.15 -78.69 12.79
CA ASP A 292 -17.32 -77.95 13.24
C ASP A 292 -18.08 -77.38 12.04
N PRO B 6 -24.33 -35.97 20.17
CA PRO B 6 -23.07 -36.70 20.34
C PRO B 6 -22.08 -36.43 19.21
N GLN B 7 -21.01 -35.70 19.50
CA GLN B 7 -20.02 -35.38 18.49
C GLN B 7 -19.24 -36.62 18.08
N LEU B 8 -19.21 -36.89 16.78
CA LEU B 8 -18.51 -38.06 16.27
C LEU B 8 -17.00 -37.84 16.31
N GLN B 9 -16.26 -38.90 16.60
CA GLN B 9 -14.82 -38.82 16.78
C GLN B 9 -14.10 -39.56 15.67
N PHE B 10 -12.78 -39.33 15.60
CA PHE B 10 -11.95 -40.03 14.62
C PHE B 10 -11.87 -41.52 14.92
N LYS B 11 -11.70 -41.88 16.20
CA LYS B 11 -11.50 -43.27 16.59
C LYS B 11 -12.72 -44.13 16.31
N ASP B 12 -13.89 -43.53 16.11
CA ASP B 12 -15.12 -44.29 15.92
C ASP B 12 -15.59 -44.37 14.47
N ALA B 13 -15.03 -43.56 13.57
CA ALA B 13 -15.53 -43.47 12.20
C ALA B 13 -14.47 -43.75 11.15
N PHE B 14 -13.33 -44.31 11.51
CA PHE B 14 -12.25 -44.60 10.56
C PHE B 14 -11.71 -46.00 10.76
N TRP B 15 -12.60 -46.99 10.76
CA TRP B 15 -12.25 -48.39 10.78
C TRP B 15 -12.48 -49.01 9.40
N CYS B 16 -11.97 -50.22 9.22
CA CYS B 16 -12.14 -50.96 7.98
C CYS B 16 -12.59 -52.38 8.31
N ARG B 17 -13.71 -52.80 7.72
CA ARG B 17 -14.18 -54.16 7.92
C ARG B 17 -13.18 -55.17 7.39
N ASP B 18 -12.45 -54.82 6.32
CA ASP B 18 -11.35 -55.64 5.83
C ASP B 18 -10.24 -55.72 6.88
N PHE B 19 -9.90 -56.94 7.28
CA PHE B 19 -8.89 -57.11 8.32
C PHE B 19 -7.52 -56.66 7.84
N THR B 20 -7.20 -56.88 6.56
CA THR B 20 -5.89 -56.59 6.01
C THR B 20 -5.79 -55.17 5.45
N ALA B 21 -6.81 -54.33 5.62
CA ALA B 21 -6.83 -52.99 5.10
C ALA B 21 -6.74 -51.98 6.23
N HIS B 22 -5.96 -50.92 6.01
CA HIS B 22 -5.85 -49.83 6.97
C HIS B 22 -6.19 -48.51 6.29
N THR B 23 -7.29 -48.49 5.53
CA THR B 23 -7.67 -47.29 4.79
C THR B 23 -8.05 -46.15 5.74
N GLY B 24 -8.69 -46.47 6.86
CA GLY B 24 -9.06 -45.44 7.82
C GLY B 24 -7.87 -44.65 8.32
N TYR B 25 -6.74 -45.33 8.54
CA TYR B 25 -5.53 -44.62 8.94
C TYR B 25 -4.92 -43.86 7.77
N GLU B 26 -4.99 -44.42 6.56
CA GLU B 26 -4.43 -43.76 5.39
C GLU B 26 -5.20 -42.49 5.05
N VAL B 27 -6.53 -42.51 5.24
CA VAL B 27 -7.32 -41.33 4.97
C VAL B 27 -6.98 -40.20 5.93
N LEU B 28 -6.85 -40.53 7.22
CA LEU B 28 -6.49 -39.52 8.22
C LEU B 28 -5.09 -38.96 7.98
N LEU B 29 -4.15 -39.83 7.59
CA LEU B 29 -2.79 -39.36 7.33
C LEU B 29 -2.75 -38.42 6.13
N GLN B 30 -3.58 -38.69 5.12
CA GLN B 30 -3.67 -37.78 3.98
C GLN B 30 -4.29 -36.45 4.38
N ARG B 31 -5.24 -36.46 5.32
CA ARG B 31 -5.84 -35.22 5.79
C ARG B 31 -4.80 -34.34 6.48
N LEU B 32 -3.88 -34.95 7.23
CA LEU B 32 -2.83 -34.19 7.87
C LEU B 32 -1.88 -33.57 6.84
N LEU B 33 -1.61 -34.30 5.76
CA LEU B 33 -0.76 -33.76 4.70
C LEU B 33 -1.46 -32.64 3.95
N ASP B 34 -2.78 -32.73 3.78
CA ASP B 34 -3.52 -31.63 3.18
C ASP B 34 -3.53 -30.41 4.10
N GLY B 35 -3.63 -30.63 5.41
CA GLY B 35 -3.56 -29.53 6.35
C GLY B 35 -2.19 -28.92 6.44
N ARG B 36 -1.14 -29.72 6.23
CA ARG B 36 0.22 -29.18 6.21
C ARG B 36 0.42 -28.25 5.03
N LYS B 37 -0.13 -28.60 3.86
CA LYS B 37 -0.04 -27.72 2.71
C LYS B 37 -0.88 -26.46 2.90
N MET B 38 -2.02 -26.58 3.58
CA MET B 38 -2.83 -25.41 3.88
C MET B 38 -2.10 -24.47 4.82
N CYS B 39 -1.37 -25.02 5.80
CA CYS B 39 -0.56 -24.18 6.68
C CYS B 39 0.53 -23.46 5.91
N LYS B 40 1.11 -24.12 4.90
CA LYS B 40 2.13 -23.49 4.08
C LYS B 40 1.53 -22.39 3.20
N ASP B 41 0.34 -22.63 2.66
CA ASP B 41 -0.32 -21.62 1.83
C ASP B 41 -0.66 -20.38 2.64
N MET B 42 -1.04 -20.56 3.91
CA MET B 42 -1.25 -19.41 4.78
C MET B 42 0.06 -18.68 5.05
N GLU B 43 1.15 -19.42 5.22
N GLU B 43 1.16 -19.42 5.19
CA GLU B 43 2.45 -18.79 5.41
CA GLU B 43 2.45 -18.78 5.42
C GLU B 43 2.92 -18.08 4.15
C GLU B 43 2.99 -18.13 4.15
N GLU B 44 2.58 -18.62 2.98
CA GLU B 44 3.03 -18.01 1.73
C GLU B 44 2.32 -16.69 1.47
N LEU B 45 1.04 -16.61 1.84
CA LEU B 45 0.29 -15.36 1.66
C LEU B 45 0.86 -14.26 2.56
N LEU B 46 1.22 -14.60 3.80
CA LEU B 46 1.78 -13.60 4.70
C LEU B 46 3.14 -13.10 4.22
N ARG B 47 3.98 -14.01 3.71
CA ARG B 47 5.31 -13.61 3.25
C ARG B 47 5.21 -12.66 2.06
N GLN B 48 4.33 -12.95 1.12
CA GLN B 48 4.18 -12.08 -0.04
C GLN B 48 3.49 -10.78 0.33
N ARG B 49 2.55 -10.83 1.27
CA ARG B 49 1.91 -9.60 1.74
C ARG B 49 2.89 -8.72 2.49
N ALA B 50 3.78 -9.33 3.29
CA ALA B 50 4.78 -8.56 4.01
C ALA B 50 5.76 -7.90 3.04
N GLN B 51 6.19 -8.62 2.00
CA GLN B 51 7.05 -8.03 0.99
C GLN B 51 6.38 -6.86 0.29
N ALA B 52 5.08 -7.01 -0.01
CA ALA B 52 4.35 -5.93 -0.67
C ALA B 52 4.16 -4.74 0.26
N GLU B 53 3.93 -5.00 1.54
CA GLU B 53 3.72 -3.91 2.50
C GLU B 53 5.02 -3.15 2.75
N GLU B 54 6.14 -3.87 2.86
CA GLU B 54 7.42 -3.20 3.04
C GLU B 54 7.79 -2.35 1.82
N ARG B 55 7.56 -2.88 0.62
CA ARG B 55 7.84 -2.13 -0.59
C ARG B 55 6.94 -0.89 -0.71
N TYR B 56 5.65 -1.05 -0.37
CA TYR B 56 4.74 0.08 -0.40
C TYR B 56 5.14 1.13 0.63
N GLY B 57 5.49 0.70 1.84
CA GLY B 57 5.89 1.64 2.87
C GLY B 57 7.16 2.40 2.50
N LYS B 58 8.17 1.67 2.00
CA LYS B 58 9.42 2.30 1.60
C LYS B 58 9.21 3.32 0.49
N GLU B 59 8.25 3.07 -0.41
CA GLU B 59 8.00 4.01 -1.49
C GLU B 59 7.35 5.28 -0.98
N LEU B 60 6.45 5.16 0.01
CA LEU B 60 5.83 6.35 0.59
C LEU B 60 6.85 7.22 1.29
N VAL B 61 7.84 6.61 1.94
CA VAL B 61 8.87 7.38 2.63
C VAL B 61 9.72 8.16 1.63
N GLN B 62 10.05 7.53 0.49
CA GLN B 62 10.86 8.20 -0.52
C GLN B 62 10.11 9.36 -1.15
N ILE B 63 8.81 9.21 -1.38
CA ILE B 63 8.02 10.29 -1.96
C ILE B 63 7.97 11.49 -1.03
N ALA B 64 7.80 11.24 0.28
CA ALA B 64 7.71 12.33 1.24
C ALA B 64 9.03 13.06 1.39
N ARG B 65 10.14 12.31 1.44
CA ARG B 65 11.44 12.94 1.65
C ARG B 65 11.91 13.70 0.42
N LYS B 66 11.62 13.19 -0.78
CA LYS B 66 12.08 13.81 -2.01
C LYS B 66 11.14 14.89 -2.53
N ALA B 67 9.93 15.01 -2.00
CA ALA B 67 8.98 15.98 -2.50
C ALA B 67 9.46 17.40 -2.22
N GLY B 68 8.93 18.35 -3.01
CA GLY B 68 9.33 19.73 -2.90
C GLY B 68 8.46 20.56 -1.97
N GLY B 69 8.07 21.75 -2.42
CA GLY B 69 7.27 22.65 -1.61
C GLY B 69 8.04 23.79 -0.98
N GLN B 70 9.33 23.93 -1.27
CA GLN B 70 10.16 24.93 -0.61
C GLN B 70 9.72 26.35 -0.96
N THR B 71 9.16 26.57 -2.14
CA THR B 71 8.79 27.91 -2.56
C THR B 71 7.57 28.46 -1.84
N GLU B 72 6.81 27.62 -1.15
CA GLU B 72 5.62 28.07 -0.44
C GLU B 72 5.97 28.56 0.96
N ILE B 73 5.13 29.43 1.50
CA ILE B 73 5.34 30.04 2.80
C ILE B 73 4.03 30.00 3.59
N ASN B 74 4.16 30.28 4.89
CA ASN B 74 3.03 30.46 5.82
C ASN B 74 2.19 29.18 5.86
N SER B 75 0.86 29.35 6.01
CA SER B 75 -0.03 28.23 6.28
C SER B 75 0.08 27.15 5.22
N LEU B 76 -0.02 27.53 3.94
CA LEU B 76 0.03 26.53 2.87
C LEU B 76 1.31 25.73 2.89
N ARG B 77 2.43 26.35 3.29
CA ARG B 77 3.67 25.61 3.45
C ARG B 77 3.57 24.63 4.61
N ALA B 78 3.05 25.08 5.75
CA ALA B 78 2.87 24.20 6.90
C ALA B 78 1.88 23.08 6.61
N SER B 79 0.85 23.36 5.81
CA SER B 79 -0.10 22.31 5.43
C SER B 79 0.54 21.29 4.50
N PHE B 80 1.30 21.75 3.52
CA PHE B 80 1.97 20.82 2.60
C PHE B 80 3.06 20.04 3.32
N ASP B 81 3.79 20.69 4.23
CA ASP B 81 4.77 19.97 5.04
C ASP B 81 4.10 18.98 5.98
N SER B 82 2.86 19.28 6.40
CA SER B 82 2.12 18.35 7.23
C SER B 82 1.72 17.10 6.46
N LEU B 83 1.43 17.25 5.16
CA LEU B 83 1.11 16.07 4.34
C LEU B 83 2.35 15.21 4.11
N LYS B 84 3.50 15.84 3.88
CA LYS B 84 4.74 15.08 3.70
C LYS B 84 5.13 14.37 4.99
N GLN B 85 4.92 15.02 6.13
CA GLN B 85 5.28 14.40 7.40
C GLN B 85 4.41 13.18 7.68
N GLN B 86 3.10 13.28 7.44
CA GLN B 86 2.22 12.14 7.70
C GLN B 86 2.40 11.03 6.67
N MET B 87 2.85 11.38 5.46
CA MET B 87 3.14 10.35 4.46
C MET B 87 4.30 9.46 4.91
N GLU B 88 5.36 10.07 5.45
CA GLU B 88 6.47 9.29 5.97
C GLU B 88 6.04 8.46 7.17
N ASN B 89 5.16 9.01 8.01
CA ASN B 89 4.65 8.26 9.15
C ASN B 89 3.84 7.05 8.71
N VAL B 90 3.02 7.20 7.67
CA VAL B 90 2.26 6.08 7.15
C VAL B 90 3.19 5.04 6.54
N GLY B 91 4.14 5.49 5.72
CA GLY B 91 5.08 4.56 5.11
C GLY B 91 5.90 3.79 6.13
N SER B 92 6.35 4.48 7.18
CA SER B 92 7.09 3.80 8.25
C SER B 92 6.19 2.83 9.00
N SER B 93 4.91 3.15 9.15
CA SER B 93 4.00 2.25 9.85
C SER B 93 3.78 0.96 9.05
N HIS B 94 3.67 1.08 7.72
CA HIS B 94 3.51 -0.11 6.89
C HIS B 94 4.76 -0.96 6.89
N ILE B 95 5.93 -0.34 7.06
CA ILE B 95 7.17 -1.11 7.21
C ILE B 95 7.12 -1.93 8.49
N GLN B 96 6.61 -1.32 9.58
CA GLN B 96 6.43 -2.06 10.82
C GLN B 96 5.38 -3.14 10.68
N LEU B 97 4.36 -2.93 9.84
CA LEU B 97 3.37 -3.96 9.59
C LEU B 97 4.00 -5.18 8.94
N ALA B 98 4.96 -4.96 8.04
CA ALA B 98 5.65 -6.09 7.41
C ALA B 98 6.40 -6.93 8.43
N LEU B 99 7.03 -6.28 9.41
CA LEU B 99 7.70 -7.02 10.48
C LEU B 99 6.69 -7.79 11.33
N THR B 100 5.50 -7.22 11.55
CA THR B 100 4.47 -7.91 12.31
C THR B 100 3.95 -9.12 11.56
N LEU B 101 3.74 -8.98 10.25
CA LEU B 101 3.27 -10.10 9.45
C LEU B 101 4.30 -11.22 9.40
N ARG B 102 5.58 -10.86 9.26
CA ARG B 102 6.64 -11.88 9.23
C ARG B 102 6.78 -12.58 10.56
N GLU B 103 6.40 -11.92 11.67
CA GLU B 103 6.38 -12.60 12.96
C GLU B 103 5.26 -13.63 13.00
N GLU B 104 4.10 -13.31 12.43
CA GLU B 104 3.04 -14.31 12.28
C GLU B 104 3.50 -15.44 11.35
N LEU B 105 4.28 -15.09 10.32
CA LEU B 105 4.84 -16.10 9.44
C LEU B 105 5.77 -17.04 10.20
N ARG B 106 6.63 -16.49 11.07
CA ARG B 106 7.56 -17.33 11.81
C ARG B 106 6.85 -18.20 12.83
N SER B 107 5.76 -17.69 13.43
CA SER B 107 5.02 -18.49 14.42
C SER B 107 4.35 -19.69 13.78
N LEU B 108 3.83 -19.53 12.56
CA LEU B 108 3.15 -20.63 11.89
C LEU B 108 4.14 -21.72 11.48
N GLU B 109 5.33 -21.34 11.01
CA GLU B 109 6.32 -22.33 10.62
C GLU B 109 6.81 -23.12 11.82
N GLU B 110 6.90 -22.50 12.99
CA GLU B 110 7.25 -23.23 14.20
C GLU B 110 6.16 -24.22 14.58
N PHE B 111 4.91 -23.78 14.57
CA PHE B 111 3.79 -24.68 14.85
C PHE B 111 3.71 -25.80 13.82
N ARG B 112 3.93 -25.48 12.55
CA ARG B 112 3.84 -26.49 11.50
C ARG B 112 4.86 -27.59 11.72
N GLU B 113 6.11 -27.23 12.03
CA GLU B 113 7.15 -28.22 12.25
C GLU B 113 6.98 -28.96 13.57
N ARG B 114 6.29 -28.35 14.54
CA ARG B 114 5.97 -29.04 15.78
C ARG B 114 5.06 -30.24 15.53
N GLN B 115 4.02 -30.06 14.72
CA GLN B 115 3.09 -31.14 14.43
C GLN B 115 3.76 -32.25 13.62
N LYS B 116 4.62 -31.88 12.67
CA LYS B 116 5.32 -32.88 11.87
C LYS B 116 6.19 -33.77 12.74
N GLU B 117 6.83 -33.20 13.76
CA GLU B 117 7.65 -33.99 14.67
C GLU B 117 6.82 -35.06 15.37
N GLN B 118 5.64 -34.67 15.88
CA GLN B 118 4.80 -35.64 16.57
C GLN B 118 4.15 -36.63 15.59
N ARG B 119 3.78 -36.15 14.39
CA ARG B 119 3.16 -37.02 13.40
C ARG B 119 4.11 -38.14 12.98
N LYS B 120 5.40 -37.82 12.82
CA LYS B 120 6.38 -38.84 12.44
C LYS B 120 6.47 -39.94 13.49
N LYS B 121 6.29 -39.60 14.78
CA LYS B 121 6.34 -40.60 15.83
C LYS B 121 5.19 -41.60 15.67
N TYR B 122 3.98 -41.10 15.44
CA TYR B 122 2.83 -41.99 15.26
C TYR B 122 2.97 -42.81 13.99
N GLU B 123 3.54 -42.23 12.94
CA GLU B 123 3.75 -42.97 11.70
C GLU B 123 4.65 -44.17 11.92
N ALA B 124 5.74 -44.00 12.68
CA ALA B 124 6.64 -45.12 12.96
C ALA B 124 5.93 -46.21 13.77
N VAL B 125 5.14 -45.81 14.76
CA VAL B 125 4.44 -46.78 15.60
C VAL B 125 3.39 -47.54 14.80
N MET B 126 2.59 -46.80 14.02
CA MET B 126 1.53 -47.45 13.25
C MET B 126 2.10 -48.36 12.17
N ASP B 127 3.12 -47.89 11.44
CA ASP B 127 3.74 -48.74 10.42
C ASP B 127 4.33 -50.01 11.00
N ARG B 128 4.80 -49.96 12.25
CA ARG B 128 5.36 -51.15 12.89
C ARG B 128 4.27 -52.17 13.19
N VAL B 129 3.25 -51.76 13.96
CA VAL B 129 2.23 -52.70 14.41
C VAL B 129 1.40 -53.20 13.24
N GLN B 130 1.15 -52.36 12.24
CA GLN B 130 0.40 -52.81 11.07
C GLN B 130 1.20 -53.84 10.27
N LYS B 131 2.50 -53.62 10.13
CA LYS B 131 3.34 -54.58 9.42
C LYS B 131 3.39 -55.92 10.16
N SER B 132 3.42 -55.88 11.49
CA SER B 132 3.42 -57.11 12.27
C SER B 132 2.04 -57.78 12.22
N LYS B 133 0.98 -56.98 12.22
CA LYS B 133 -0.38 -57.54 12.13
C LYS B 133 -0.58 -58.26 10.80
N LEU B 134 -0.16 -57.63 9.70
CA LEU B 134 -0.29 -58.26 8.39
C LEU B 134 0.64 -59.46 8.26
N SER B 135 1.80 -59.41 8.91
CA SER B 135 2.74 -60.54 8.84
C SER B 135 2.17 -61.77 9.55
N LEU B 136 1.67 -61.59 10.78
CA LEU B 136 1.11 -62.71 11.53
C LEU B 136 -0.17 -63.23 10.89
N TYR B 137 -0.92 -62.37 10.20
CA TYR B 137 -2.11 -62.83 9.50
C TYR B 137 -1.75 -63.79 8.38
N LYS B 138 -0.71 -63.46 7.60
CA LYS B 138 -0.25 -64.38 6.57
C LYS B 138 0.24 -65.70 7.16
N LYS B 139 0.84 -65.65 8.36
CA LYS B 139 1.29 -66.88 9.00
C LYS B 139 0.12 -67.72 9.49
N ALA B 140 -0.91 -67.08 10.05
CA ALA B 140 -2.06 -67.81 10.55
C ALA B 140 -2.81 -68.52 9.44
N MET B 141 -2.96 -67.86 8.28
CA MET B 141 -3.65 -68.48 7.16
C MET B 141 -2.84 -69.63 6.57
N GLU B 142 -1.51 -69.51 6.55
CA GLU B 142 -0.68 -70.63 6.12
C GLU B 142 -0.81 -71.80 7.08
N SER B 143 -0.97 -71.52 8.37
CA SER B 143 -1.20 -72.58 9.35
C SER B 143 -2.58 -73.22 9.15
N LYS B 144 -3.58 -72.42 8.77
CA LYS B 144 -4.91 -72.97 8.56
C LYS B 144 -4.95 -73.90 7.36
N LYS B 145 -4.30 -73.52 6.26
CA LYS B 145 -4.27 -74.38 5.08
C LYS B 145 -3.56 -75.68 5.37
N THR B 146 -2.47 -75.62 6.14
CA THR B 146 -1.77 -76.85 6.53
C THR B 146 -2.61 -77.70 7.47
N TYR B 147 -3.24 -77.05 8.47
CA TYR B 147 -4.08 -77.77 9.41
C TYR B 147 -5.23 -78.48 8.72
N GLU B 148 -5.87 -77.82 7.76
CA GLU B 148 -7.00 -78.44 7.05
C GLU B 148 -6.52 -79.60 6.18
N GLN B 149 -5.35 -79.45 5.54
CA GLN B 149 -4.83 -80.54 4.72
C GLN B 149 -4.46 -81.75 5.55
N LYS B 150 -3.95 -81.52 6.77
CA LYS B 150 -3.61 -82.64 7.65
C LYS B 150 -4.86 -83.36 8.12
N CYS B 151 -5.96 -82.64 8.34
CA CYS B 151 -7.22 -83.28 8.70
C CYS B 151 -7.74 -84.15 7.57
N ARG B 152 -7.61 -83.68 6.32
CA ARG B 152 -8.00 -84.50 5.18
C ARG B 152 -7.10 -85.72 5.04
N ASP B 153 -5.80 -85.55 5.29
CA ASP B 153 -4.88 -86.69 5.24
C ASP B 153 -5.18 -87.69 6.35
N ALA B 154 -5.58 -87.19 7.53
CA ALA B 154 -5.89 -88.08 8.64
C ALA B 154 -7.17 -88.86 8.36
N ASP B 155 -8.18 -88.20 7.76
CA ASP B 155 -9.41 -88.90 7.43
C ASP B 155 -9.19 -89.90 6.31
N ASP B 156 -8.34 -89.57 5.34
CA ASP B 156 -8.02 -90.51 4.27
C ASP B 156 -7.20 -91.68 4.79
N ALA B 157 -6.30 -91.42 5.76
CA ALA B 157 -5.51 -92.51 6.32
C ALA B 157 -6.35 -93.40 7.22
N GLU B 158 -7.40 -92.85 7.84
CA GLU B 158 -8.28 -93.66 8.65
C GLU B 158 -9.24 -94.48 7.80
N GLN B 159 -9.68 -93.91 6.67
CA GLN B 159 -10.54 -94.66 5.76
C GLN B 159 -9.76 -95.77 5.04
N ALA B 160 -8.46 -95.57 4.83
CA ALA B 160 -7.64 -96.62 4.26
C ALA B 160 -7.44 -97.76 5.25
N PHE B 161 -7.26 -97.43 6.53
CA PHE B 161 -7.15 -98.46 7.56
C PHE B 161 -8.45 -99.24 7.68
N GLU B 162 -9.58 -98.54 7.81
CA GLU B 162 -10.87 -99.20 7.91
C GLU B 162 -11.16 -100.07 6.69
N ARG B 163 -10.64 -99.69 5.53
CA ARG B 163 -10.89 -100.45 4.30
C ARG B 163 -10.18 -101.80 4.32
N ILE B 164 -8.88 -101.81 4.66
CA ILE B 164 -8.08 -103.03 4.57
C ILE B 164 -8.17 -103.89 5.82
N SER B 165 -8.78 -103.39 6.89
CA SER B 165 -8.90 -104.16 8.13
C SER B 165 -10.09 -105.10 8.13
N ALA B 166 -10.60 -105.47 6.96
CA ALA B 166 -11.71 -106.40 6.87
C ALA B 166 -11.21 -107.80 6.51
N ASN B 167 -10.65 -107.95 5.32
CA ASN B 167 -10.12 -109.23 4.87
C ASN B 167 -8.64 -109.15 4.53
N GLY B 168 -7.96 -108.07 4.90
CA GLY B 168 -6.55 -107.91 4.59
C GLY B 168 -5.64 -108.71 5.50
N HIS B 169 -4.40 -108.84 5.08
CA HIS B 169 -3.41 -109.58 5.85
C HIS B 169 -2.90 -108.73 7.02
N GLN B 170 -2.28 -109.41 7.99
CA GLN B 170 -1.76 -108.72 9.17
C GLN B 170 -0.63 -107.76 8.81
N LYS B 171 0.13 -108.07 7.75
CA LYS B 171 1.23 -107.20 7.35
C LYS B 171 0.71 -105.91 6.73
N GLN B 172 -0.30 -106.01 5.86
CA GLN B 172 -0.85 -104.82 5.22
C GLN B 172 -1.67 -103.98 6.20
N VAL B 173 -2.27 -104.62 7.21
CA VAL B 173 -3.03 -103.88 8.21
C VAL B 173 -2.10 -103.12 9.15
N GLU B 174 -0.99 -103.77 9.56
CA GLU B 174 -0.03 -103.08 10.42
C GLU B 174 0.54 -101.85 9.74
N LYS B 175 0.77 -101.92 8.43
CA LYS B 175 1.28 -100.76 7.71
C LYS B 175 0.24 -99.64 7.68
N SER B 176 -1.03 -99.99 7.49
CA SER B 176 -2.08 -98.97 7.39
C SER B 176 -2.45 -98.38 8.75
N GLN B 177 -2.29 -99.15 9.83
CA GLN B 177 -2.63 -98.60 11.14
C GLN B 177 -1.57 -97.63 11.64
N ASN B 178 -0.30 -97.86 11.32
CA ASN B 178 0.74 -96.90 11.67
C ASN B 178 0.66 -95.65 10.80
N LYS B 179 0.14 -95.77 9.58
CA LYS B 179 -0.06 -94.59 8.74
C LYS B 179 -1.18 -93.72 9.28
N ALA B 180 -2.26 -94.34 9.77
CA ALA B 180 -3.37 -93.57 10.33
C ALA B 180 -2.96 -92.87 11.62
N ARG B 181 -2.13 -93.54 12.44
CA ARG B 181 -1.65 -92.89 13.66
C ARG B 181 -0.62 -91.81 13.34
N GLN B 182 0.20 -92.02 12.31
CA GLN B 182 1.15 -90.99 11.92
C GLN B 182 0.45 -89.76 11.35
N CYS B 183 -0.66 -89.97 10.63
CA CYS B 183 -1.41 -88.84 10.08
C CYS B 183 -2.25 -88.15 11.16
N LYS B 184 -2.78 -88.93 12.11
CA LYS B 184 -3.55 -88.32 13.19
C LYS B 184 -2.66 -87.45 14.07
N ASP B 185 -1.42 -87.88 14.30
CA ASP B 185 -0.49 -87.06 15.06
C ASP B 185 -0.10 -85.80 14.29
N SER B 186 0.05 -85.92 12.97
CA SER B 186 0.36 -84.75 12.15
C SER B 186 -0.77 -83.73 12.19
N ALA B 187 -2.01 -84.19 12.21
CA ALA B 187 -3.15 -83.28 12.32
C ALA B 187 -3.20 -82.62 13.69
N THR B 188 -2.79 -83.34 14.74
CA THR B 188 -2.80 -82.76 16.08
C THR B 188 -1.75 -81.67 16.21
N GLU B 189 -0.55 -81.92 15.69
CA GLU B 189 0.51 -80.90 15.73
C GLU B 189 0.20 -79.73 14.82
N ALA B 190 -0.46 -79.98 13.67
CA ALA B 190 -0.88 -78.88 12.82
C ALA B 190 -1.96 -78.05 13.47
N GLU B 191 -2.81 -78.67 14.30
CA GLU B 191 -3.82 -77.91 15.03
C GLU B 191 -3.18 -77.03 16.10
N ARG B 192 -2.18 -77.55 16.81
CA ARG B 192 -1.50 -76.77 17.83
C ARG B 192 -0.77 -75.58 17.23
N VAL B 193 -0.11 -75.78 16.09
CA VAL B 193 0.54 -74.67 15.40
C VAL B 193 -0.51 -73.66 14.93
N TYR B 194 -1.64 -74.16 14.42
CA TYR B 194 -2.71 -73.27 13.99
C TYR B 194 -3.33 -72.54 15.18
N ARG B 195 -3.49 -73.23 16.32
CA ARG B 195 -3.99 -72.56 17.51
C ARG B 195 -3.02 -71.50 18.00
N GLN B 196 -1.72 -71.79 17.94
N GLN B 196 -1.71 -71.79 17.93
CA GLN B 196 -0.71 -70.81 18.37
CA GLN B 196 -0.73 -70.80 18.37
C GLN B 196 -0.68 -69.62 17.42
C GLN B 196 -0.65 -69.62 17.42
N SER B 197 -0.93 -69.84 16.13
CA SER B 197 -0.93 -68.74 15.17
C SER B 197 -2.09 -67.80 15.43
N ILE B 198 -3.26 -68.34 15.79
CA ILE B 198 -4.40 -67.51 16.12
C ILE B 198 -4.15 -66.74 17.42
N ALA B 199 -3.42 -67.35 18.36
CA ALA B 199 -3.13 -66.69 19.62
C ALA B 199 -2.20 -65.50 19.43
N GLN B 200 -1.14 -65.69 18.64
CA GLN B 200 -0.20 -64.59 18.39
C GLN B 200 -0.86 -63.49 17.57
N LEU B 201 -1.67 -63.86 16.57
CA LEU B 201 -2.34 -62.86 15.75
C LEU B 201 -3.33 -62.05 16.57
N GLU B 202 -4.07 -62.70 17.47
CA GLU B 202 -5.04 -61.99 18.30
C GLU B 202 -4.34 -61.01 19.24
N LYS B 203 -3.16 -61.38 19.75
CA LYS B 203 -2.42 -60.48 20.62
C LYS B 203 -2.08 -59.18 19.90
N VAL B 204 -1.52 -59.28 18.69
CA VAL B 204 -1.16 -58.09 17.93
C VAL B 204 -2.40 -57.35 17.47
N ARG B 205 -3.49 -58.06 17.19
CA ARG B 205 -4.73 -57.41 16.75
C ARG B 205 -5.22 -56.40 17.78
N ALA B 206 -5.36 -56.84 19.03
CA ALA B 206 -5.77 -55.93 20.09
C ALA B 206 -4.76 -54.81 20.29
N GLU B 207 -3.47 -55.12 20.13
CA GLU B 207 -2.45 -54.08 20.19
C GLU B 207 -2.64 -53.05 19.09
N TRP B 208 -2.93 -53.51 17.87
CA TRP B 208 -3.17 -52.60 16.76
C TRP B 208 -4.43 -51.78 16.99
N GLU B 209 -5.51 -52.42 17.43
CA GLU B 209 -6.76 -51.70 17.68
C GLU B 209 -6.56 -50.62 18.73
N GLN B 210 -5.78 -50.93 19.79
CA GLN B 210 -5.47 -49.93 20.79
C GLN B 210 -4.58 -48.84 20.22
N GLU B 211 -3.59 -49.22 19.41
CA GLU B 211 -2.68 -48.23 18.82
C GLU B 211 -3.40 -47.36 17.80
N HIS B 212 -4.27 -47.96 16.99
CA HIS B 212 -5.04 -47.19 16.02
C HIS B 212 -5.98 -46.21 16.72
N ARG B 213 -6.57 -46.64 17.84
CA ARG B 213 -7.51 -45.79 18.56
C ARG B 213 -6.81 -44.58 19.18
N THR B 214 -5.57 -44.77 19.67
CA THR B 214 -4.82 -43.65 20.22
C THR B 214 -4.35 -42.70 19.13
N THR B 215 -3.92 -43.25 17.98
CA THR B 215 -3.45 -42.40 16.88
C THR B 215 -4.59 -41.55 16.32
N CYS B 216 -5.79 -42.11 16.23
CA CYS B 216 -6.93 -41.33 15.74
C CYS B 216 -7.23 -40.15 16.66
N GLU B 217 -7.24 -40.40 17.97
CA GLU B 217 -7.49 -39.32 18.92
C GLU B 217 -6.37 -38.28 18.87
N ALA B 218 -5.14 -38.71 18.63
CA ALA B 218 -4.04 -37.76 18.51
C ALA B 218 -4.14 -36.95 17.23
N PHE B 219 -4.49 -37.60 16.11
CA PHE B 219 -4.66 -36.87 14.86
C PHE B 219 -5.82 -35.89 14.95
N GLN B 220 -6.88 -36.27 15.67
CA GLN B 220 -8.00 -35.35 15.88
C GLN B 220 -7.57 -34.16 16.73
N LEU B 221 -6.69 -34.39 17.70
CA LEU B 221 -6.16 -33.30 18.51
C LEU B 221 -5.31 -32.37 17.67
N GLN B 222 -4.49 -32.93 16.78
CA GLN B 222 -3.67 -32.10 15.89
C GLN B 222 -4.53 -31.28 14.94
N GLU B 223 -5.55 -31.90 14.36
CA GLU B 223 -6.44 -31.17 13.46
C GLU B 223 -7.23 -30.09 14.19
N PHE B 224 -7.70 -30.39 15.41
CA PHE B 224 -8.40 -29.37 16.18
C PHE B 224 -7.50 -28.18 16.49
N ASP B 225 -6.22 -28.44 16.80
CA ASP B 225 -5.29 -27.36 17.06
C ASP B 225 -4.94 -26.59 15.78
N ARG B 226 -4.74 -27.31 14.68
CA ARG B 226 -4.40 -26.64 13.42
C ARG B 226 -5.55 -25.77 12.94
N LEU B 227 -6.78 -26.28 13.00
CA LEU B 227 -7.93 -25.49 12.58
C LEU B 227 -8.13 -24.28 13.49
N THR B 228 -7.81 -24.40 14.77
CA THR B 228 -7.99 -23.29 15.69
C THR B 228 -6.95 -22.20 15.45
N ILE B 229 -5.69 -22.59 15.27
CA ILE B 229 -4.63 -21.60 15.08
C ILE B 229 -4.75 -20.93 13.72
N LEU B 230 -5.14 -21.68 12.69
CA LEU B 230 -5.31 -21.08 11.37
C LEU B 230 -6.53 -20.16 11.33
N ARG B 231 -7.59 -20.52 12.05
CA ARG B 231 -8.73 -19.60 12.17
C ARG B 231 -8.33 -18.35 12.93
N ASN B 232 -7.51 -18.50 13.96
CA ASN B 232 -7.04 -17.34 14.71
C ASN B 232 -6.08 -16.50 13.88
N ALA B 233 -5.25 -17.15 13.05
CA ALA B 233 -4.32 -16.42 12.21
C ALA B 233 -5.06 -15.54 11.20
N LEU B 234 -6.19 -16.03 10.68
CA LEU B 234 -6.99 -15.23 9.76
C LEU B 234 -7.65 -14.06 10.49
N TRP B 235 -8.12 -14.29 11.71
CA TRP B 235 -8.73 -13.21 12.49
C TRP B 235 -7.69 -12.17 12.89
N VAL B 236 -6.50 -12.61 13.31
CA VAL B 236 -5.45 -11.67 13.67
C VAL B 236 -4.98 -10.90 12.44
N HIS B 237 -4.83 -11.59 11.31
CA HIS B 237 -4.38 -10.92 10.09
C HIS B 237 -5.38 -9.87 9.63
N SER B 238 -6.68 -10.19 9.69
CA SER B 238 -7.70 -9.21 9.31
C SER B 238 -7.75 -8.05 10.29
N ASN B 239 -7.47 -8.30 11.57
CA ASN B 239 -7.45 -7.22 12.55
C ASN B 239 -6.23 -6.32 12.36
N GLN B 240 -5.07 -6.92 12.07
CA GLN B 240 -3.86 -6.13 11.88
C GLN B 240 -3.96 -5.22 10.65
N LEU B 241 -4.62 -5.71 9.60
CA LEU B 241 -4.85 -4.87 8.42
C LEU B 241 -5.92 -3.82 8.70
N SER B 242 -6.97 -4.19 9.44
CA SER B 242 -7.99 -3.21 9.80
C SER B 242 -7.46 -2.18 10.79
N MET B 243 -6.56 -2.60 11.68
CA MET B 243 -5.92 -1.64 12.57
C MET B 243 -5.03 -0.67 11.80
N GLN B 244 -4.42 -1.13 10.71
CA GLN B 244 -3.61 -0.22 9.89
C GLN B 244 -4.46 0.85 9.25
N CYS B 245 -5.72 0.53 8.90
CA CYS B 245 -6.61 1.55 8.36
C CYS B 245 -6.95 2.61 9.39
N VAL B 246 -7.04 2.23 10.66
CA VAL B 246 -7.31 3.21 11.71
C VAL B 246 -6.09 4.08 11.96
N LYS B 247 -4.90 3.47 11.98
CA LYS B 247 -3.67 4.23 12.20
C LYS B 247 -3.43 5.22 11.07
N ASP B 248 -3.62 4.78 9.82
CA ASP B 248 -3.43 5.67 8.68
C ASP B 248 -4.45 6.79 8.68
N ASP B 249 -5.72 6.47 8.92
CA ASP B 249 -6.77 7.48 8.96
C ASP B 249 -6.49 8.53 10.03
N GLU B 250 -6.00 8.11 11.18
CA GLU B 250 -5.66 9.07 12.24
C GLU B 250 -4.53 9.98 11.82
N LEU B 251 -3.56 9.45 11.06
CA LEU B 251 -2.45 10.27 10.58
C LEU B 251 -2.91 11.26 9.53
N TYR B 252 -3.78 10.83 8.61
CA TYR B 252 -4.30 11.75 7.61
C TYR B 252 -5.18 12.83 8.23
N GLU B 253 -5.81 12.52 9.37
CA GLU B 253 -6.58 13.54 10.09
C GLU B 253 -5.69 14.68 10.58
N GLU B 254 -4.44 14.37 10.93
CA GLU B 254 -3.51 15.42 11.35
C GLU B 254 -3.30 16.45 10.24
N VAL B 255 -3.38 16.03 8.97
CA VAL B 255 -3.26 16.99 7.88
C VAL B 255 -4.47 17.91 7.85
N ARG B 256 -5.66 17.36 8.07
CA ARG B 256 -6.86 18.17 8.11
C ARG B 256 -6.83 19.14 9.29
N LEU B 257 -6.27 18.71 10.42
CA LEU B 257 -6.13 19.59 11.57
C LEU B 257 -5.21 20.76 11.25
N THR B 258 -4.14 20.51 10.49
CA THR B 258 -3.25 21.58 10.07
C THR B 258 -3.96 22.52 9.09
N LEU B 259 -4.80 21.96 8.21
CA LEU B 259 -5.52 22.76 7.23
C LEU B 259 -6.56 23.67 7.88
N GLU B 260 -7.05 23.33 9.07
CA GLU B 260 -8.00 24.20 9.75
C GLU B 260 -7.37 25.51 10.19
N GLY B 261 -6.05 25.55 10.34
CA GLY B 261 -5.36 26.78 10.68
C GLY B 261 -4.79 27.49 9.47
N CYS B 262 -5.28 27.13 8.28
CA CYS B 262 -4.82 27.71 7.02
C CYS B 262 -5.85 28.73 6.55
N SER B 263 -5.53 30.00 6.73
CA SER B 263 -6.40 31.11 6.31
C SER B 263 -5.81 31.76 5.07
N ILE B 264 -6.61 31.88 4.02
CA ILE B 264 -6.13 32.47 2.77
C ILE B 264 -5.77 33.93 2.98
N ASP B 265 -6.66 34.68 3.64
CA ASP B 265 -6.40 36.10 3.88
C ASP B 265 -5.19 36.31 4.78
N ALA B 266 -4.95 35.39 5.72
CA ALA B 266 -3.78 35.51 6.58
C ALA B 266 -2.48 35.35 5.81
N ASP B 267 -2.44 34.39 4.87
CA ASP B 267 -1.23 34.17 4.10
C ASP B 267 -0.92 35.35 3.19
N ILE B 268 -1.95 35.97 2.61
CA ILE B 268 -1.72 37.12 1.74
C ILE B 268 -1.20 38.31 2.55
N ASP B 269 -1.81 38.56 3.72
CA ASP B 269 -1.35 39.66 4.56
C ASP B 269 0.04 39.39 5.11
N SER B 270 0.38 38.13 5.38
CA SER B 270 1.72 37.82 5.87
C SER B 270 2.77 38.01 4.78
N PHE B 271 2.42 37.73 3.53
CA PHE B 271 3.34 37.98 2.43
C PHE B 271 3.51 39.48 2.18
N ILE B 272 2.42 40.23 2.27
CA ILE B 272 2.48 41.68 2.07
C ILE B 272 3.38 42.32 3.12
N GLN B 273 3.13 42.00 4.40
CA GLN B 273 3.90 42.59 5.49
C GLN B 273 5.38 42.23 5.44
N ALA B 274 5.74 41.17 4.71
CA ALA B 274 7.12 40.71 4.67
C ALA B 274 7.86 41.10 3.41
N LYS B 275 7.15 41.38 2.31
CA LYS B 275 7.79 41.66 1.03
C LYS B 275 7.40 43.03 0.46
N SER B 276 6.70 43.86 1.22
CA SER B 276 6.26 45.15 0.73
C SER B 276 7.47 46.04 0.41
N THR B 277 7.39 46.75 -0.72
CA THR B 277 8.47 47.63 -1.15
C THR B 277 8.17 49.11 -0.89
N GLY B 278 6.90 49.48 -0.81
CA GLY B 278 6.54 50.88 -0.58
C GLY B 278 5.06 51.13 -0.73
N THR B 279 4.54 52.13 -0.02
CA THR B 279 3.13 52.46 -0.04
C THR B 279 2.82 53.76 -0.78
N GLU B 280 3.81 54.35 -1.46
CA GLU B 280 3.61 55.61 -2.15
C GLU B 280 4.18 55.51 -3.57
N PRO B 281 3.38 55.80 -4.60
CA PRO B 281 3.89 55.77 -5.97
C PRO B 281 4.94 56.85 -6.19
N PRO B 282 5.76 56.72 -7.24
CA PRO B 282 6.81 57.72 -7.47
C PRO B 282 6.24 59.10 -7.70
N ALA B 283 6.98 60.11 -7.25
CA ALA B 283 6.56 61.49 -7.45
C ALA B 283 6.74 61.88 -8.92
N PRO B 284 5.82 62.66 -9.48
CA PRO B 284 5.97 63.06 -10.89
C PRO B 284 7.18 63.97 -11.09
N VAL B 285 7.83 63.82 -12.23
CA VAL B 285 9.02 64.60 -12.58
C VAL B 285 8.57 65.97 -13.09
N PRO B 286 8.93 67.06 -12.41
CA PRO B 286 8.49 68.39 -12.85
C PRO B 286 9.53 69.09 -13.70
N TYR B 287 9.14 70.22 -14.30
CA TYR B 287 10.08 71.06 -15.01
C TYR B 287 10.94 71.83 -14.02
N GLN B 288 12.26 71.73 -14.17
CA GLN B 288 13.22 72.38 -13.28
C GLN B 288 13.88 73.53 -14.04
N ASN B 289 13.51 74.76 -13.71
CA ASN B 289 14.13 75.93 -14.32
C ASN B 289 15.58 76.06 -13.86
N TYR B 290 16.47 76.38 -14.80
CA TYR B 290 17.89 76.43 -14.48
C TYR B 290 18.24 77.61 -13.59
N TYR B 291 17.49 78.71 -13.68
CA TYR B 291 17.81 79.89 -12.88
C TYR B 291 16.87 80.11 -11.71
N ASP B 292 15.68 79.52 -11.72
CA ASP B 292 14.70 79.72 -10.65
C ASP B 292 14.98 78.79 -9.46
N SER C 7 -10.88 0.49 16.13
CA SER C 7 -11.58 -0.63 15.52
C SER C 7 -12.06 -0.28 14.11
N LYS C 8 -12.74 0.87 14.00
CA LYS C 8 -13.26 1.35 12.74
C LYS C 8 -12.74 2.76 12.47
N PRO C 9 -12.28 3.03 11.24
CA PRO C 9 -11.70 4.35 10.95
C PRO C 9 -12.73 5.46 11.01
N LYS C 10 -12.28 6.64 11.44
CA LYS C 10 -13.15 7.81 11.44
C LYS C 10 -13.59 8.16 10.03
N GLY C 11 -12.63 8.30 9.12
CA GLY C 11 -12.92 8.53 7.72
C GLY C 11 -12.77 9.98 7.31
N PRO C 12 -13.29 10.31 6.13
CA PRO C 12 -13.21 11.69 5.65
C PRO C 12 -14.10 12.62 6.46
N ARG C 13 -13.91 13.91 6.24
CA ARG C 13 -14.64 14.94 6.98
C ARG C 13 -14.79 16.17 6.10
N ASN C 14 -15.96 16.81 6.18
CA ASN C 14 -16.22 17.99 5.37
C ASN C 14 -15.27 19.12 5.76
N PRO C 15 -14.91 19.98 4.81
CA PRO C 15 -14.06 21.12 5.11
C PRO C 15 -14.76 22.08 6.07
N PRO C 16 -14.02 22.99 6.69
CA PRO C 16 -14.65 23.99 7.56
C PRO C 16 -15.71 24.77 6.80
N PRO C 17 -16.90 24.94 7.39
CA PRO C 17 -17.99 25.61 6.66
C PRO C 17 -17.71 27.08 6.33
N THR C 18 -16.67 27.67 6.90
CA THR C 18 -16.29 29.04 6.56
C THR C 18 -15.42 29.12 5.32
N TRP C 19 -15.08 28.00 4.70
CA TRP C 19 -14.27 28.00 3.49
C TRP C 19 -15.13 28.29 2.27
N ASN C 20 -14.47 28.86 1.25
CA ASN C 20 -15.08 29.14 -0.05
C ASN C 20 -16.39 29.93 0.07
#